data_8QOV
#
_entry.id   8QOV
#
_cell.length_a   88.746
_cell.length_b   88.746
_cell.length_c   88.746
_cell.angle_alpha   90.00
_cell.angle_beta   90.00
_cell.angle_gamma   90.00
#
_symmetry.space_group_name_H-M   'P 21 3'
#
loop_
_entity.id
_entity.type
_entity.pdbx_description
1 polymer '2-iminobutanoate/2-iminopropanoate deaminase'
2 non-polymer 'NICKEL (II) ION'
3 non-polymer 1,2-ETHANEDIOL
4 non-polymer DI(HYDROXYETHYL)ETHER
5 water water
#
_entity_poly.entity_id   1
_entity_poly.type   'polypeptide(L)'
_entity_poly.pdbx_seq_one_letter_code
;GSHMSSLVRRIISTAKAPAAIGPYSQAVLVDRTIYISGQLGMDPASGQLVPGGVVEEAKQALTNIGEILKAAGCDFTNVV
KATVLLADINDFSAVNDVYKQYFQSSFPARAAYQVAALPKGGRVEIEAYAVQGPLTTASL
;
_entity_poly.pdbx_strand_id   A,B
#
loop_
_chem_comp.id
_chem_comp.type
_chem_comp.name
_chem_comp.formula
EDO non-polymer 1,2-ETHANEDIOL 'C2 H6 O2'
NI non-polymer 'NICKEL (II) ION' 'Ni 2'
PEG non-polymer DI(HYDROXYETHYL)ETHER 'C4 H10 O3'
#
# COMPACT_ATOMS: atom_id res chain seq x y z
N GLY A 1 -7.10 -14.72 14.89
CA GLY A 1 -5.64 -14.55 15.16
C GLY A 1 -4.75 -14.93 13.98
N SER A 2 -5.36 -15.49 12.92
CA SER A 2 -4.71 -15.75 11.63
C SER A 2 -5.71 -16.03 10.50
N HIS A 3 -7.02 -15.98 10.76
CA HIS A 3 -8.07 -16.35 9.83
C HIS A 3 -8.66 -15.12 9.13
N MET A 4 -8.20 -13.94 9.57
CA MET A 4 -8.48 -12.67 8.95
C MET A 4 -7.16 -12.02 8.59
N SER A 5 -7.22 -11.03 7.72
CA SER A 5 -6.00 -10.33 7.31
CA SER A 5 -6.03 -10.27 7.30
C SER A 5 -5.35 -9.67 8.52
N SER A 6 -4.03 -9.64 8.50
CA SER A 6 -3.26 -8.92 9.50
CA SER A 6 -3.29 -8.91 9.51
C SER A 6 -3.11 -7.48 9.04
N LEU A 7 -3.77 -6.56 9.73
CA LEU A 7 -3.81 -5.15 9.32
C LEU A 7 -2.53 -4.46 9.81
N VAL A 8 -2.03 -3.52 9.01
CA VAL A 8 -0.84 -2.76 9.38
C VAL A 8 -1.22 -1.93 10.62
N ARG A 9 -0.31 -1.88 11.59
CA ARG A 9 -0.42 -0.93 12.71
C ARG A 9 0.95 -0.29 12.81
N ARG A 10 1.10 0.99 12.38
CA ARG A 10 2.39 1.70 12.44
C ARG A 10 2.47 2.80 13.50
N ILE A 11 3.52 2.78 14.37
CA ILE A 11 3.75 3.83 15.35
C ILE A 11 4.46 4.98 14.67
N ILE A 12 3.89 6.16 14.76
CA ILE A 12 4.49 7.34 14.20
C ILE A 12 5.35 8.03 15.25
N SER A 13 6.53 8.47 14.82
CA SER A 13 7.51 9.07 15.74
C SER A 13 8.42 10.00 14.93
N THR A 14 8.50 11.27 15.31
CA THR A 14 9.29 12.29 14.62
C THR A 14 9.85 13.25 15.64
N ALA A 15 11.10 13.71 15.42
CA ALA A 15 11.78 14.55 16.38
C ALA A 15 11.27 15.98 16.19
N LYS A 16 10.54 16.18 15.09
CA LYS A 16 10.10 17.52 14.72
C LYS A 16 8.85 17.89 15.51
N ALA A 17 8.27 16.98 16.30
CA ALA A 17 7.15 17.35 17.15
C ALA A 17 7.50 16.95 18.57
N PRO A 18 6.83 17.52 19.61
CA PRO A 18 7.19 17.16 20.97
C PRO A 18 7.21 15.66 21.08
N ALA A 19 8.24 15.13 21.72
CA ALA A 19 8.38 13.72 21.99
C ALA A 19 7.22 13.22 22.83
N ALA A 20 6.83 11.97 22.61
CA ALA A 20 5.77 11.33 23.37
C ALA A 20 6.43 10.49 24.47
N ILE A 21 6.50 11.12 25.64
CA ILE A 21 7.23 10.57 26.77
C ILE A 21 6.22 9.87 27.65
N GLY A 22 6.48 8.59 27.90
CA GLY A 22 5.53 7.79 28.65
C GLY A 22 4.73 6.94 27.68
N PRO A 23 3.68 6.26 28.16
CA PRO A 23 3.02 5.16 27.45
C PRO A 23 1.99 5.68 26.43
N TYR A 24 2.47 6.56 25.56
CA TYR A 24 1.67 6.98 24.41
C TYR A 24 2.57 7.29 23.22
N SER A 25 1.97 7.22 22.04
CA SER A 25 2.62 7.55 20.77
C SER A 25 2.10 8.86 20.24
N GLN A 26 2.93 9.60 19.48
CA GLN A 26 2.50 10.79 18.80
C GLN A 26 1.27 10.47 17.92
N ALA A 27 1.31 9.39 17.15
CA ALA A 27 0.19 8.93 16.36
C ALA A 27 0.32 7.44 16.09
N VAL A 28 -0.83 6.80 15.84
CA VAL A 28 -0.88 5.41 15.43
C VAL A 28 -1.62 5.36 14.12
N LEU A 29 -0.98 4.77 13.08
CA LEU A 29 -1.63 4.43 11.83
C LEU A 29 -2.09 2.96 11.89
N VAL A 30 -3.35 2.67 11.64
CA VAL A 30 -3.87 1.31 11.70
C VAL A 30 -4.82 1.15 10.52
N ASP A 31 -4.49 0.15 9.68
CA ASP A 31 -5.10 0.01 8.36
C ASP A 31 -4.80 1.33 7.64
N ARG A 32 -5.79 2.13 7.33
CA ARG A 32 -5.51 3.40 6.70
C ARG A 32 -5.78 4.63 7.59
N THR A 33 -6.24 4.42 8.83
CA THR A 33 -6.63 5.51 9.73
C THR A 33 -5.52 5.85 10.68
N ILE A 34 -5.23 7.16 10.78
CA ILE A 34 -4.22 7.70 11.68
C ILE A 34 -4.89 8.45 12.84
N TYR A 35 -4.64 7.94 14.04
CA TYR A 35 -5.16 8.58 15.25
C TYR A 35 -4.01 9.41 15.79
N ILE A 36 -4.16 10.74 15.87
CA ILE A 36 -3.07 11.58 16.31
C ILE A 36 -3.35 12.10 17.72
N SER A 37 -2.39 11.90 18.63
CA SER A 37 -2.50 12.40 20.01
C SER A 37 -2.72 13.88 19.99
N GLY A 38 -3.51 14.39 20.95
CA GLY A 38 -3.74 15.82 21.00
C GLY A 38 -2.42 16.57 21.15
N GLN A 39 -2.32 17.63 20.41
CA GLN A 39 -1.13 18.47 20.41
C GLN A 39 -1.42 19.83 21.01
N LEU A 40 -0.53 20.21 21.93
CA LEU A 40 -0.48 21.50 22.63
CA LEU A 40 -0.57 21.54 22.53
C LEU A 40 0.50 22.40 21.88
N GLY A 41 0.52 23.69 22.22
CA GLY A 41 1.46 24.63 21.63
C GLY A 41 2.84 24.50 22.27
N MET A 42 3.34 23.25 22.37
CA MET A 42 4.62 22.93 22.99
C MET A 42 5.74 23.01 21.94
N ASP A 43 6.82 23.69 22.32
CA ASP A 43 8.00 23.74 21.48
C ASP A 43 8.70 22.39 21.58
N PRO A 44 8.98 21.71 20.46
CA PRO A 44 9.63 20.39 20.53
C PRO A 44 10.99 20.40 21.22
N ALA A 45 11.78 21.44 20.94
CA ALA A 45 13.15 21.53 21.46
C ALA A 45 13.14 21.77 22.97
N SER A 46 12.22 22.60 23.50
CA SER A 46 12.29 23.05 24.87
C SER A 46 11.44 22.20 25.80
N GLY A 47 10.38 21.60 25.27
CA GLY A 47 9.49 20.83 26.10
C GLY A 47 8.52 21.71 26.89
N GLN A 48 8.37 22.97 26.46
CA GLN A 48 7.51 23.90 27.18
C GLN A 48 6.56 24.58 26.21
N LEU A 49 5.49 25.20 26.73
CA LEU A 49 4.64 26.06 25.91
C LEU A 49 5.46 27.19 25.32
N VAL A 50 5.21 27.49 24.05
CA VAL A 50 5.67 28.72 23.43
C VAL A 50 5.01 29.93 24.06
N PRO A 51 5.71 31.07 24.12
CA PRO A 51 5.15 32.28 24.72
C PRO A 51 4.13 32.95 23.82
N GLY A 52 3.33 33.85 24.43
CA GLY A 52 2.58 34.79 23.63
C GLY A 52 1.09 34.49 23.61
N GLY A 53 0.65 33.43 24.29
CA GLY A 53 -0.78 33.20 24.51
C GLY A 53 -1.39 32.27 23.46
N VAL A 54 -2.73 32.27 23.42
CA VAL A 54 -3.49 31.25 22.69
C VAL A 54 -3.18 31.24 21.18
N VAL A 55 -3.00 32.40 20.57
CA VAL A 55 -2.71 32.44 19.13
C VAL A 55 -1.36 31.80 18.80
N GLU A 56 -0.32 32.10 19.58
CA GLU A 56 0.98 31.52 19.35
C GLU A 56 0.95 30.02 19.58
N GLU A 57 0.16 29.63 20.59
CA GLU A 57 0.03 28.22 20.96
C GLU A 57 -0.69 27.48 19.82
N ALA A 58 -1.73 28.09 19.23
CA ALA A 58 -2.47 27.39 18.19
C ALA A 58 -1.57 27.14 16.99
N LYS A 59 -0.76 28.15 16.65
CA LYS A 59 0.19 28.00 15.56
C LYS A 59 1.14 26.84 15.84
N GLN A 60 1.73 26.78 17.01
CA GLN A 60 2.66 25.70 17.34
C GLN A 60 1.99 24.33 17.36
N ALA A 61 0.76 24.25 17.89
CA ALA A 61 0.03 23.01 17.91
C ALA A 61 -0.21 22.46 16.51
N LEU A 62 -0.64 23.34 15.61
CA LEU A 62 -0.91 22.96 14.23
C LEU A 62 0.40 22.65 13.49
N THR A 63 1.47 23.34 13.82
CA THR A 63 2.80 23.00 13.29
C THR A 63 3.17 21.58 13.73
N ASN A 64 2.93 21.26 14.99
CA ASN A 64 3.19 19.96 15.56
C ASN A 64 2.40 18.88 14.81
N ILE A 65 1.09 19.09 14.61
CA ILE A 65 0.23 18.16 13.90
C ILE A 65 0.81 17.98 12.49
N GLY A 66 1.21 19.09 11.86
CA GLY A 66 1.76 19.01 10.51
C GLY A 66 2.98 18.09 10.40
N GLU A 67 3.87 18.15 11.38
CA GLU A 67 5.08 17.33 11.35
C GLU A 67 4.74 15.88 11.58
N ILE A 68 3.72 15.61 12.41
CA ILE A 68 3.29 14.24 12.63
C ILE A 68 2.63 13.70 11.36
N LEU A 69 1.82 14.48 10.67
CA LEU A 69 1.17 14.07 9.43
C LEU A 69 2.24 13.74 8.41
N LYS A 70 3.27 14.58 8.35
CA LYS A 70 4.33 14.39 7.36
C LYS A 70 5.06 13.06 7.63
N ALA A 71 5.33 12.76 8.90
CA ALA A 71 5.97 11.51 9.29
C ALA A 71 5.14 10.29 8.88
N ALA A 72 3.83 10.45 8.74
CA ALA A 72 2.93 9.38 8.33
C ALA A 72 2.60 9.47 6.84
N GLY A 73 3.41 10.19 6.06
CA GLY A 73 3.18 10.26 4.63
C GLY A 73 1.92 11.04 4.22
N CYS A 74 1.49 11.95 5.09
CA CYS A 74 0.24 12.65 4.89
C CYS A 74 0.51 14.15 4.93
N ASP A 75 -0.50 14.93 4.61
CA ASP A 75 -0.52 16.35 4.96
C ASP A 75 -1.91 16.72 5.51
N PHE A 76 -2.19 18.03 5.66
CA PHE A 76 -3.47 18.48 6.24
C PHE A 76 -4.64 18.06 5.37
N THR A 77 -4.44 17.76 4.05
CA THR A 77 -5.58 17.35 3.27
C THR A 77 -6.07 15.94 3.66
N ASN A 78 -5.26 15.18 4.43
CA ASN A 78 -5.62 13.84 4.87
C ASN A 78 -6.52 13.89 6.12
N VAL A 79 -6.62 15.08 6.77
CA VAL A 79 -7.36 15.14 8.01
C VAL A 79 -8.86 15.07 7.75
N VAL A 80 -9.59 14.20 8.49
CA VAL A 80 -11.04 14.03 8.31
C VAL A 80 -11.85 14.49 9.52
N LYS A 81 -11.20 14.59 10.68
CA LYS A 81 -11.89 15.13 11.86
C LYS A 81 -10.86 15.79 12.74
N ALA A 82 -11.22 16.93 13.34
CA ALA A 82 -10.36 17.46 14.37
C ALA A 82 -11.21 17.92 15.54
N THR A 83 -10.62 17.89 16.75
CA THR A 83 -11.26 18.45 17.94
C THR A 83 -10.36 19.55 18.48
N VAL A 84 -10.93 20.73 18.70
CA VAL A 84 -10.23 21.90 19.24
C VAL A 84 -10.71 22.14 20.66
N LEU A 85 -9.78 21.90 21.61
CA LEU A 85 -10.08 22.09 23.01
C LEU A 85 -9.48 23.42 23.43
N LEU A 86 -10.27 24.22 24.13
CA LEU A 86 -9.88 25.56 24.56
C LEU A 86 -9.91 25.73 26.05
N ALA A 87 -9.00 26.57 26.57
CA ALA A 87 -9.07 27.02 27.96
C ALA A 87 -10.17 28.08 28.14
N ASP A 88 -10.50 28.80 27.06
CA ASP A 88 -11.48 29.88 27.06
C ASP A 88 -12.27 29.85 25.75
N ILE A 89 -13.59 29.60 25.81
CA ILE A 89 -14.45 29.61 24.63
C ILE A 89 -14.35 30.90 23.83
N ASN A 90 -14.01 32.01 24.50
CA ASN A 90 -13.97 33.30 23.82
C ASN A 90 -12.72 33.40 22.95
N ASP A 91 -11.78 32.46 23.04
CA ASP A 91 -10.64 32.40 22.13
C ASP A 91 -10.92 31.65 20.82
N PHE A 92 -12.16 31.18 20.64
CA PHE A 92 -12.48 30.37 19.48
C PHE A 92 -12.17 31.10 18.17
N SER A 93 -12.63 32.35 18.04
CA SER A 93 -12.50 33.10 16.79
CA SER A 93 -12.50 33.08 16.79
C SER A 93 -11.02 33.27 16.44
N ALA A 94 -10.20 33.66 17.41
CA ALA A 94 -8.78 33.83 17.18
C ALA A 94 -8.08 32.52 16.83
N VAL A 95 -8.44 31.40 17.46
CA VAL A 95 -7.84 30.12 17.11
C VAL A 95 -8.31 29.70 15.72
N ASN A 96 -9.61 29.93 15.41
CA ASN A 96 -10.15 29.62 14.09
C ASN A 96 -9.41 30.38 12.99
N ASP A 97 -8.97 31.60 13.26
CA ASP A 97 -8.24 32.39 12.27
C ASP A 97 -6.89 31.74 11.99
N VAL A 98 -6.32 31.06 12.99
CA VAL A 98 -5.09 30.30 12.75
C VAL A 98 -5.41 29.03 11.95
N TYR A 99 -6.41 28.29 12.43
CA TYR A 99 -6.76 26.98 11.94
C TYR A 99 -7.09 27.04 10.45
N LYS A 100 -7.82 28.10 10.04
CA LYS A 100 -8.33 28.17 8.68
C LYS A 100 -7.17 28.29 7.70
N GLN A 101 -5.98 28.65 8.17
CA GLN A 101 -4.82 28.80 7.31
C GLN A 101 -4.31 27.43 6.85
N TYR A 102 -4.70 26.34 7.55
CA TYR A 102 -4.13 25.04 7.25
C TYR A 102 -5.01 24.23 6.29
N PHE A 103 -6.25 24.70 6.00
CA PHE A 103 -7.24 23.97 5.24
C PHE A 103 -7.86 24.84 4.15
N GLN A 104 -8.05 24.27 2.95
CA GLN A 104 -8.41 25.03 1.75
C GLN A 104 -9.84 24.69 1.31
N SER A 105 -10.16 23.39 1.42
CA SER A 105 -11.43 22.84 1.00
CA SER A 105 -11.39 22.81 0.92
C SER A 105 -11.54 21.41 1.50
N SER A 106 -12.74 20.86 1.37
CA SER A 106 -12.98 19.48 1.77
C SER A 106 -12.62 19.37 3.25
N PHE A 107 -13.18 20.29 4.03
CA PHE A 107 -12.71 20.53 5.40
C PHE A 107 -13.01 19.33 6.29
N PRO A 108 -12.17 19.10 7.32
CA PRO A 108 -12.53 18.07 8.31
C PRO A 108 -13.83 18.37 9.04
N ALA A 109 -14.45 17.33 9.56
CA ALA A 109 -15.47 17.48 10.58
C ALA A 109 -14.76 18.07 11.80
N ARG A 110 -15.53 18.78 12.66
CA ARG A 110 -14.87 19.47 13.77
C ARG A 110 -15.79 19.55 14.97
N ALA A 111 -15.18 19.49 16.18
CA ALA A 111 -15.84 19.96 17.39
C ALA A 111 -14.88 20.90 18.13
N ALA A 112 -15.43 21.98 18.70
CA ALA A 112 -14.63 22.93 19.44
C ALA A 112 -15.39 23.26 20.73
N TYR A 113 -14.71 23.19 21.88
CA TYR A 113 -15.37 23.58 23.10
C TYR A 113 -14.30 23.86 24.18
N GLN A 114 -14.76 24.37 25.32
CA GLN A 114 -13.89 24.74 26.44
C GLN A 114 -13.89 23.62 27.46
N VAL A 115 -12.66 23.23 27.89
CA VAL A 115 -12.40 22.28 28.94
C VAL A 115 -11.89 23.02 30.17
N ALA A 116 -11.93 22.32 31.28
CA ALA A 116 -11.58 22.90 32.58
C ALA A 116 -10.09 23.20 32.64
N ALA A 117 -9.25 22.28 32.16
CA ALA A 117 -7.82 22.52 32.08
C ALA A 117 -7.14 21.56 31.10
N LEU A 118 -6.07 22.03 30.49
CA LEU A 118 -5.25 21.22 29.61
C LEU A 118 -3.91 21.00 30.28
N PRO A 119 -3.20 19.96 29.87
CA PRO A 119 -1.83 19.75 30.36
C PRO A 119 -0.96 20.97 30.16
N LYS A 120 0.02 21.13 31.06
CA LYS A 120 1.07 22.13 30.88
C LYS A 120 0.49 23.56 30.93
N GLY A 121 -0.72 23.73 31.46
CA GLY A 121 -1.37 25.02 31.43
C GLY A 121 -1.78 25.50 30.05
N GLY A 122 -1.83 24.57 29.09
CA GLY A 122 -2.11 24.98 27.73
C GLY A 122 -3.45 25.74 27.54
N ARG A 123 -3.54 26.61 26.54
CA ARG A 123 -4.76 27.35 26.24
C ARG A 123 -5.51 26.75 25.04
N VAL A 124 -4.88 25.82 24.32
CA VAL A 124 -5.44 25.16 23.15
C VAL A 124 -4.75 23.82 22.97
N GLU A 125 -5.55 22.80 22.62
CA GLU A 125 -5.08 21.48 22.28
C GLU A 125 -5.90 21.01 21.08
N ILE A 126 -5.24 20.46 20.05
CA ILE A 126 -5.95 19.97 18.86
C ILE A 126 -5.65 18.48 18.63
N GLU A 127 -6.71 17.67 18.51
CA GLU A 127 -6.55 16.25 18.21
C GLU A 127 -7.11 16.04 16.83
N ALA A 128 -6.47 15.17 16.06
CA ALA A 128 -6.96 14.95 14.70
C ALA A 128 -6.93 13.48 14.34
N TYR A 129 -7.83 13.19 13.41
CA TYR A 129 -7.93 11.90 12.72
C TYR A 129 -7.68 12.16 11.24
N ALA A 130 -6.89 11.28 10.63
CA ALA A 130 -6.56 11.40 9.22
C ALA A 130 -6.62 10.00 8.63
N VAL A 131 -6.68 10.02 7.30
CA VAL A 131 -6.76 8.77 6.53
C VAL A 131 -5.70 8.86 5.43
N GLN A 132 -4.81 7.87 5.46
CA GLN A 132 -3.72 7.74 4.51
C GLN A 132 -4.29 7.64 3.10
N GLY A 133 -3.72 8.43 2.21
CA GLY A 133 -4.19 8.49 0.83
C GLY A 133 -3.63 7.32 0.06
N PRO A 134 -3.96 7.23 -1.23
CA PRO A 134 -4.77 8.23 -1.91
C PRO A 134 -6.25 8.25 -1.55
N LEU A 135 -6.84 9.44 -1.64
CA LEU A 135 -8.24 9.67 -1.36
C LEU A 135 -8.91 10.35 -2.55
N THR A 136 -10.10 9.89 -2.88
CA THR A 136 -10.88 10.50 -3.95
C THR A 136 -12.01 11.33 -3.35
N THR A 137 -11.93 12.65 -3.48
CA THR A 137 -12.94 13.50 -2.86
C THR A 137 -14.14 13.70 -3.78
N ALA A 138 -15.34 13.43 -3.25
CA ALA A 138 -16.60 13.56 -3.97
C ALA A 138 -17.46 14.72 -3.40
N MET B 4 -17.49 3.60 -4.71
CA MET B 4 -16.60 2.59 -4.06
C MET B 4 -15.15 3.01 -4.30
N SER B 5 -14.21 2.40 -3.60
CA SER B 5 -12.80 2.67 -3.73
CA SER B 5 -12.81 2.73 -3.74
C SER B 5 -12.37 2.49 -5.19
N SER B 6 -11.42 3.31 -5.62
CA SER B 6 -10.80 3.07 -6.91
C SER B 6 -9.62 2.14 -6.69
N LEU B 7 -9.74 0.93 -7.26
CA LEU B 7 -8.77 -0.13 -7.07
C LEU B 7 -7.61 0.11 -8.03
N VAL B 8 -6.43 -0.26 -7.59
CA VAL B 8 -5.24 -0.20 -8.40
C VAL B 8 -5.44 -1.16 -9.58
N ARG B 9 -5.13 -0.67 -10.79
CA ARG B 9 -5.08 -1.51 -11.98
C ARG B 9 -3.85 -1.10 -12.77
N ARG B 10 -2.86 -2.00 -12.88
CA ARG B 10 -1.55 -1.73 -13.43
C ARG B 10 -1.21 -2.81 -14.46
N ILE B 11 -0.88 -2.40 -15.67
CA ILE B 11 -0.35 -3.28 -16.71
C ILE B 11 1.10 -3.55 -16.34
N ILE B 12 1.43 -4.84 -16.25
CA ILE B 12 2.78 -5.28 -15.99
C ILE B 12 3.47 -5.48 -17.31
N SER B 13 4.67 -4.88 -17.44
CA SER B 13 5.41 -4.98 -18.69
C SER B 13 6.89 -4.89 -18.36
N THR B 14 7.63 -5.89 -18.78
CA THR B 14 9.08 -5.93 -18.60
C THR B 14 9.72 -6.43 -19.90
N ALA B 15 10.87 -5.85 -20.28
CA ALA B 15 11.65 -6.35 -21.39
C ALA B 15 12.41 -7.63 -21.05
N LYS B 16 12.34 -8.06 -19.79
CA LYS B 16 12.91 -9.35 -19.41
C LYS B 16 12.00 -10.52 -19.74
N ALA B 17 10.79 -10.27 -20.26
CA ALA B 17 9.91 -11.29 -20.80
C ALA B 17 9.62 -10.91 -22.24
N PRO B 18 9.16 -11.88 -23.08
CA PRO B 18 8.90 -11.63 -24.49
C PRO B 18 7.91 -10.50 -24.71
N ALA B 19 8.15 -9.81 -25.83
CA ALA B 19 7.21 -8.85 -26.30
C ALA B 19 5.91 -9.55 -26.72
N ALA B 20 4.82 -8.81 -26.63
CA ALA B 20 3.53 -9.28 -27.12
C ALA B 20 3.60 -9.41 -28.64
N ILE B 21 3.24 -10.61 -29.14
CA ILE B 21 3.03 -10.92 -30.55
C ILE B 21 1.52 -10.94 -30.82
N GLY B 22 0.74 -10.19 -30.04
CA GLY B 22 -0.69 -10.08 -30.25
C GLY B 22 -1.26 -9.08 -29.28
N PRO B 23 -2.60 -8.88 -29.21
CA PRO B 23 -3.25 -7.83 -28.41
C PRO B 23 -3.56 -8.23 -26.94
N TYR B 24 -2.47 -8.30 -26.17
CA TYR B 24 -2.56 -8.65 -24.76
C TYR B 24 -1.40 -8.01 -24.02
N SER B 25 -1.60 -7.84 -22.70
CA SER B 25 -0.51 -7.48 -21.78
C SER B 25 0.13 -8.73 -21.18
N GLN B 26 1.41 -8.61 -20.78
CA GLN B 26 2.06 -9.72 -20.12
C GLN B 26 1.27 -10.16 -18.89
N ALA B 27 0.87 -9.20 -18.05
CA ALA B 27 0.03 -9.46 -16.88
C ALA B 27 -0.70 -8.17 -16.54
N VAL B 28 -1.78 -8.31 -15.77
CA VAL B 28 -2.53 -7.20 -15.23
C VAL B 28 -2.63 -7.43 -13.72
N LEU B 29 -2.20 -6.42 -12.96
CA LEU B 29 -2.40 -6.41 -11.53
C LEU B 29 -3.66 -5.61 -11.24
N VAL B 30 -4.60 -6.17 -10.50
CA VAL B 30 -5.85 -5.44 -10.22
C VAL B 30 -6.21 -5.74 -8.75
N ASP B 31 -6.24 -4.67 -7.96
CA ASP B 31 -6.22 -4.75 -6.51
C ASP B 31 -4.95 -5.51 -6.11
N ARG B 32 -5.09 -6.72 -5.58
CA ARG B 32 -3.89 -7.46 -5.21
C ARG B 32 -3.64 -8.66 -6.12
N THR B 33 -4.54 -8.91 -7.08
CA THR B 33 -4.46 -10.13 -7.88
C THR B 33 -3.78 -9.82 -9.21
N ILE B 34 -2.85 -10.70 -9.60
CA ILE B 34 -2.13 -10.59 -10.85
C ILE B 34 -2.56 -11.72 -11.78
N TYR B 35 -3.14 -11.34 -12.91
CA TYR B 35 -3.53 -12.28 -13.92
C TYR B 35 -2.41 -12.29 -14.95
N ILE B 36 -1.73 -13.44 -15.10
CA ILE B 36 -0.58 -13.53 -15.99
C ILE B 36 -0.98 -14.27 -17.28
N SER B 37 -0.63 -13.70 -18.43
CA SER B 37 -0.89 -14.27 -19.73
C SER B 37 -0.18 -15.60 -19.85
N GLY B 38 -0.70 -16.44 -20.72
CA GLY B 38 -0.03 -17.69 -21.04
C GLY B 38 1.32 -17.45 -21.65
N GLN B 39 2.33 -18.12 -21.12
CA GLN B 39 3.72 -17.92 -21.56
C GLN B 39 4.14 -19.21 -22.28
N LEU B 40 4.66 -19.04 -23.49
CA LEU B 40 5.36 -20.08 -24.24
C LEU B 40 6.85 -19.97 -23.90
N GLY B 41 7.63 -20.96 -24.37
CA GLY B 41 9.06 -21.03 -24.07
C GLY B 41 9.83 -20.12 -25.04
N MET B 42 9.44 -18.85 -25.08
CA MET B 42 10.04 -17.86 -25.98
C MET B 42 11.19 -17.16 -25.30
N ASP B 43 12.32 -17.08 -26.02
CA ASP B 43 13.47 -16.34 -25.54
C ASP B 43 13.07 -14.86 -25.50
N PRO B 44 13.25 -14.14 -24.37
CA PRO B 44 12.78 -12.78 -24.28
C PRO B 44 13.46 -11.82 -25.25
N ALA B 45 14.75 -12.04 -25.56
CA ALA B 45 15.46 -11.13 -26.47
C ALA B 45 14.94 -11.26 -27.91
N SER B 46 14.62 -12.49 -28.37
CA SER B 46 14.39 -12.75 -29.78
C SER B 46 12.93 -12.88 -30.09
N GLY B 47 12.14 -13.29 -29.10
CA GLY B 47 10.72 -13.58 -29.34
C GLY B 47 10.49 -14.95 -29.97
N GLN B 48 11.53 -15.80 -30.01
CA GLN B 48 11.45 -17.08 -30.71
C GLN B 48 11.45 -18.21 -29.71
N LEU B 49 10.78 -19.33 -30.05
CA LEU B 49 10.84 -20.51 -29.22
C LEU B 49 12.28 -20.98 -29.13
N VAL B 50 12.69 -21.32 -27.91
CA VAL B 50 13.99 -21.87 -27.66
C VAL B 50 14.03 -23.28 -28.24
N PRO B 51 15.21 -23.76 -28.69
CA PRO B 51 15.30 -25.13 -29.19
C PRO B 51 15.27 -26.13 -28.04
N GLY B 52 15.09 -27.40 -28.40
CA GLY B 52 15.33 -28.50 -27.49
C GLY B 52 14.03 -29.17 -27.04
N GLY B 53 12.87 -28.68 -27.53
CA GLY B 53 11.57 -29.28 -27.31
C GLY B 53 10.97 -28.93 -25.95
N VAL B 54 10.10 -29.81 -25.47
CA VAL B 54 9.14 -29.48 -24.41
C VAL B 54 9.85 -29.11 -23.10
N VAL B 55 10.94 -29.80 -22.76
CA VAL B 55 11.64 -29.55 -21.52
C VAL B 55 12.26 -28.15 -21.54
N GLU B 56 12.95 -27.80 -22.64
CA GLU B 56 13.59 -26.50 -22.72
C GLU B 56 12.54 -25.41 -22.74
N GLU B 57 11.44 -25.68 -23.46
CA GLU B 57 10.38 -24.70 -23.58
C GLU B 57 9.72 -24.46 -22.21
N ALA B 58 9.51 -25.51 -21.43
CA ALA B 58 8.89 -25.35 -20.12
C ALA B 58 9.75 -24.50 -19.21
N LYS B 59 11.07 -24.78 -19.23
CA LYS B 59 11.99 -23.97 -18.43
C LYS B 59 11.93 -22.51 -18.84
N GLN B 60 11.96 -22.22 -20.14
CA GLN B 60 11.88 -20.81 -20.56
C GLN B 60 10.55 -20.14 -20.18
N ALA B 61 9.43 -20.85 -20.36
CA ALA B 61 8.10 -20.33 -20.04
C ALA B 61 8.00 -19.93 -18.55
N LEU B 62 8.48 -20.82 -17.68
CA LEU B 62 8.48 -20.55 -16.25
C LEU B 62 9.48 -19.44 -15.88
N THR B 63 10.65 -19.39 -16.54
CA THR B 63 11.54 -18.25 -16.35
C THR B 63 10.87 -16.92 -16.71
N ASN B 64 10.12 -16.92 -17.82
CA ASN B 64 9.36 -15.76 -18.28
C ASN B 64 8.35 -15.33 -17.22
N ILE B 65 7.60 -16.28 -16.70
CA ILE B 65 6.66 -15.99 -15.63
C ILE B 65 7.41 -15.38 -14.43
N GLY B 66 8.58 -15.94 -14.07
CA GLY B 66 9.33 -15.41 -12.95
C GLY B 66 9.70 -13.92 -13.11
N GLU B 67 10.09 -13.52 -14.34
CA GLU B 67 10.46 -12.14 -14.61
C GLU B 67 9.23 -11.26 -14.54
N ILE B 68 8.06 -11.75 -14.96
CA ILE B 68 6.85 -10.96 -14.89
C ILE B 68 6.48 -10.78 -13.41
N LEU B 69 6.56 -11.85 -12.60
CA LEU B 69 6.29 -11.76 -11.18
C LEU B 69 7.24 -10.75 -10.55
N LYS B 70 8.52 -10.77 -10.92
CA LYS B 70 9.49 -9.87 -10.32
C LYS B 70 9.11 -8.42 -10.64
N ALA B 71 8.67 -8.17 -11.88
CA ALA B 71 8.24 -6.82 -12.29
C ALA B 71 7.09 -6.31 -11.41
N ALA B 72 6.29 -7.21 -10.88
CA ALA B 72 5.16 -6.88 -10.02
C ALA B 72 5.51 -7.02 -8.54
N GLY B 73 6.79 -7.07 -8.21
CA GLY B 73 7.20 -7.18 -6.81
C GLY B 73 6.92 -8.52 -6.15
N CYS B 74 6.85 -9.59 -6.93
CA CYS B 74 6.47 -10.89 -6.43
C CYS B 74 7.53 -11.91 -6.82
N ASP B 75 7.37 -13.13 -6.33
CA ASP B 75 8.13 -14.27 -6.84
C ASP B 75 7.17 -15.47 -6.91
N PHE B 76 7.72 -16.68 -7.11
CA PHE B 76 6.86 -17.84 -7.33
C PHE B 76 6.02 -18.14 -6.10
N THR B 77 6.45 -17.71 -4.89
CA THR B 77 5.65 -17.98 -3.70
C THR B 77 4.31 -17.20 -3.73
N ASN B 78 4.17 -16.18 -4.60
CA ASN B 78 2.94 -15.43 -4.75
C ASN B 78 1.91 -16.15 -5.64
N VAL B 79 2.36 -17.16 -6.38
CA VAL B 79 1.44 -17.80 -7.33
C VAL B 79 0.45 -18.68 -6.55
N VAL B 80 -0.86 -18.59 -6.89
CA VAL B 80 -1.91 -19.33 -6.23
C VAL B 80 -2.57 -20.37 -7.14
N LYS B 81 -2.47 -20.17 -8.46
CA LYS B 81 -3.03 -21.11 -9.41
C LYS B 81 -2.20 -21.06 -10.68
N ALA B 82 -2.02 -22.21 -11.33
CA ALA B 82 -1.45 -22.20 -12.66
C ALA B 82 -2.20 -23.17 -13.55
N THR B 83 -2.15 -22.89 -14.86
CA THR B 83 -2.62 -23.88 -15.84
C THR B 83 -1.46 -24.25 -16.75
N VAL B 84 -1.23 -25.56 -16.90
CA VAL B 84 -0.23 -26.13 -17.79
C VAL B 84 -0.89 -26.78 -18.99
N LEU B 85 -0.68 -26.14 -20.14
CA LEU B 85 -1.25 -26.58 -21.39
C LEU B 85 -0.15 -27.31 -22.17
N LEU B 86 -0.42 -28.59 -22.51
CA LEU B 86 0.58 -29.42 -23.21
C LEU B 86 0.09 -29.67 -24.62
N ALA B 87 1.06 -29.76 -25.54
CA ALA B 87 0.81 -30.25 -26.87
C ALA B 87 0.76 -31.78 -26.89
N ASP B 88 1.39 -32.41 -25.89
CA ASP B 88 1.43 -33.87 -25.80
C ASP B 88 1.35 -34.34 -24.35
N ILE B 89 0.29 -35.06 -23.98
CA ILE B 89 0.11 -35.59 -22.63
C ILE B 89 1.27 -36.51 -22.21
N ASN B 90 2.04 -37.07 -23.15
CA ASN B 90 3.18 -37.92 -22.75
C ASN B 90 4.31 -37.12 -22.11
N ASP B 91 4.25 -35.78 -22.27
CA ASP B 91 5.27 -34.90 -21.72
C ASP B 91 4.91 -34.48 -20.29
N PHE B 92 3.82 -35.01 -19.73
CA PHE B 92 3.38 -34.57 -18.42
C PHE B 92 4.45 -34.80 -17.35
N SER B 93 5.06 -35.99 -17.31
CA SER B 93 6.10 -36.32 -16.34
C SER B 93 7.30 -35.36 -16.44
N ALA B 94 7.80 -35.17 -17.66
CA ALA B 94 8.97 -34.34 -17.88
C ALA B 94 8.67 -32.91 -17.48
N VAL B 95 7.45 -32.44 -17.79
CA VAL B 95 7.07 -31.06 -17.51
C VAL B 95 6.88 -30.92 -16.02
N ASN B 96 6.28 -31.92 -15.37
CA ASN B 96 6.14 -31.90 -13.93
C ASN B 96 7.49 -31.72 -13.22
N ASP B 97 8.56 -32.39 -13.72
CA ASP B 97 9.83 -32.34 -13.03
C ASP B 97 10.45 -30.95 -13.19
N VAL B 98 10.25 -30.30 -14.37
CA VAL B 98 10.67 -28.91 -14.57
C VAL B 98 9.92 -28.03 -13.59
N TYR B 99 8.59 -28.17 -13.62
CA TYR B 99 7.72 -27.25 -12.91
C TYR B 99 8.04 -27.27 -11.42
N LYS B 100 8.32 -28.48 -10.89
CA LYS B 100 8.58 -28.64 -9.47
C LYS B 100 9.74 -27.81 -8.97
N GLN B 101 10.73 -27.53 -9.85
CA GLN B 101 11.93 -26.82 -9.50
C GLN B 101 11.65 -25.34 -9.23
N TYR B 102 10.49 -24.82 -9.69
CA TYR B 102 10.22 -23.40 -9.55
C TYR B 102 9.41 -23.11 -8.28
N PHE B 103 8.95 -24.13 -7.55
CA PHE B 103 8.21 -23.96 -6.31
C PHE B 103 8.93 -24.65 -5.16
N GLN B 104 9.46 -23.84 -4.25
CA GLN B 104 10.11 -24.32 -3.03
C GLN B 104 9.04 -24.76 -2.03
N SER B 105 7.81 -24.24 -2.13
CA SER B 105 6.79 -24.41 -1.11
C SER B 105 5.41 -23.90 -1.55
N SER B 106 4.42 -24.20 -0.71
CA SER B 106 3.06 -23.69 -0.89
C SER B 106 2.63 -23.92 -2.34
N PHE B 107 2.88 -25.12 -2.92
CA PHE B 107 2.58 -25.40 -4.33
C PHE B 107 1.19 -24.82 -4.66
N PRO B 108 1.09 -24.05 -5.75
CA PRO B 108 -0.21 -23.55 -6.21
C PRO B 108 -1.22 -24.65 -6.54
N ALA B 109 -2.49 -24.23 -6.64
CA ALA B 109 -3.48 -25.04 -7.31
C ALA B 109 -3.12 -25.12 -8.78
N ARG B 110 -3.58 -26.19 -9.45
CA ARG B 110 -3.18 -26.35 -10.83
C ARG B 110 -4.18 -27.15 -11.61
N ALA B 111 -4.20 -26.91 -12.93
CA ALA B 111 -4.80 -27.84 -13.88
C ALA B 111 -3.79 -28.03 -15.03
N ALA B 112 -3.75 -29.24 -15.56
CA ALA B 112 -2.73 -29.63 -16.51
C ALA B 112 -3.31 -30.67 -17.44
N TYR B 113 -3.21 -30.41 -18.75
CA TYR B 113 -3.86 -31.31 -19.71
C TYR B 113 -3.38 -30.95 -21.12
N GLN B 114 -3.72 -31.84 -22.10
CA GLN B 114 -3.33 -31.62 -23.47
C GLN B 114 -4.42 -30.91 -24.30
N VAL B 115 -4.01 -29.87 -25.01
CA VAL B 115 -4.82 -29.14 -25.95
C VAL B 115 -4.44 -29.60 -27.36
N ALA B 116 -5.09 -29.06 -28.40
CA ALA B 116 -4.87 -29.58 -29.75
C ALA B 116 -3.67 -28.90 -30.38
N ALA B 117 -3.54 -27.58 -30.17
CA ALA B 117 -2.40 -26.84 -30.66
C ALA B 117 -2.19 -25.55 -29.88
N LEU B 118 -0.92 -25.16 -29.75
CA LEU B 118 -0.55 -23.91 -29.13
C LEU B 118 -0.06 -22.97 -30.21
N PRO B 119 -0.03 -21.65 -29.94
CA PRO B 119 0.61 -20.72 -30.86
C PRO B 119 2.07 -21.08 -31.11
N LYS B 120 2.47 -20.88 -32.36
CA LYS B 120 3.85 -20.99 -32.77
C LYS B 120 4.33 -22.43 -32.74
N GLY B 121 3.39 -23.38 -32.62
CA GLY B 121 3.74 -24.79 -32.48
C GLY B 121 4.49 -25.03 -31.17
N GLY B 122 4.20 -24.21 -30.14
CA GLY B 122 4.79 -24.52 -28.84
C GLY B 122 4.37 -25.91 -28.32
N ARG B 123 5.20 -26.46 -27.44
CA ARG B 123 4.92 -27.77 -26.84
C ARG B 123 4.28 -27.61 -25.46
N VAL B 124 4.34 -26.36 -24.93
CA VAL B 124 3.83 -26.08 -23.58
C VAL B 124 3.53 -24.60 -23.49
N GLU B 125 2.48 -24.27 -22.75
CA GLU B 125 2.15 -22.92 -22.38
C GLU B 125 1.64 -22.93 -20.93
N ILE B 126 2.07 -21.95 -20.12
CA ILE B 126 1.70 -21.90 -18.72
C ILE B 126 1.13 -20.50 -18.42
N GLU B 127 -0.07 -20.50 -17.90
CA GLU B 127 -0.66 -19.28 -17.37
C GLU B 127 -0.66 -19.35 -15.86
N ALA B 128 -0.79 -18.20 -15.22
CA ALA B 128 -0.76 -18.20 -13.78
C ALA B 128 -1.55 -17.02 -13.23
N TYR B 129 -1.91 -17.19 -11.96
CA TYR B 129 -2.57 -16.23 -11.12
C TYR B 129 -1.75 -16.12 -9.86
N ALA B 130 -1.49 -14.89 -9.43
CA ALA B 130 -0.70 -14.62 -8.25
C ALA B 130 -1.43 -13.54 -7.44
N VAL B 131 -1.02 -13.42 -6.16
CA VAL B 131 -1.53 -12.36 -5.29
C VAL B 131 -0.38 -11.64 -4.62
N GLN B 132 -0.33 -10.31 -4.81
CA GLN B 132 0.75 -9.54 -4.21
C GLN B 132 0.76 -9.63 -2.70
N GLY B 133 1.97 -9.82 -2.14
CA GLY B 133 2.13 -9.96 -0.70
C GLY B 133 2.01 -8.61 -0.02
N PRO B 134 2.09 -8.57 1.32
CA PRO B 134 2.40 -9.75 2.10
C PRO B 134 1.27 -10.76 2.23
N LEU B 135 1.67 -12.04 2.25
CA LEU B 135 0.76 -13.12 2.49
C LEU B 135 1.13 -13.81 3.80
N THR B 136 0.14 -14.18 4.60
CA THR B 136 0.43 -14.60 5.96
C THR B 136 1.18 -15.95 5.97
NI NI C . -7.26 -15.32 12.67
C1 EDO D . 5.50 -11.44 -0.41
O1 EDO D . 5.33 -10.60 -1.50
C2 EDO D . 4.64 -12.58 -0.51
O2 EDO D . 4.11 -12.96 0.68
H11 EDO D . 5.29 -10.97 0.42
H12 EDO D . 6.43 -11.74 -0.37
HO1 EDO D . 5.84 -9.94 -1.39
H21 EDO D . 5.15 -13.32 -0.88
H22 EDO D . 3.92 -12.37 -1.12
HO2 EDO D . 4.71 -13.35 1.14
C1 PEG E . 0.28 -15.79 -26.58
O1 PEG E . 1.66 -15.99 -26.67
C2 PEG E . -0.42 -15.77 -27.92
O2 PEG E . -1.57 -14.95 -27.82
C3 PEG E . -2.52 -15.38 -26.84
C4 PEG E . -2.55 -14.68 -25.53
O4 PEG E . -1.25 -14.66 -24.79
H11 PEG E . 0.13 -14.94 -26.14
H12 PEG E . -0.10 -16.51 -26.03
HO1 PEG E . 2.00 -15.96 -25.93
H21 PEG E . -0.69 -16.69 -28.16
H22 PEG E . 0.18 -15.43 -28.61
H31 PEG E . -2.38 -16.34 -26.68
H32 PEG E . -3.41 -15.29 -27.24
H41 PEG E . -3.23 -15.10 -24.97
H42 PEG E . -2.82 -13.75 -25.68
HO4 PEG E . -1.28 -15.26 -24.18
#